data_7TYB
#
_entry.id   7TYB
#
_cell.length_a   177.064
_cell.length_b   44.834
_cell.length_c   67.199
_cell.angle_alpha   90.000
_cell.angle_beta   99.091
_cell.angle_gamma   90.000
#
_symmetry.space_group_name_H-M   'C 1 2 1'
#
loop_
_entity.id
_entity.type
_entity.pdbx_description
1 polymer 'Pyochelin biosynthesis protein PchD'
2 non-polymer "5'-O-[(2-hydroxybenzoyl)sulfamoyl]adenosine"
3 water water
#
_entity_poly.entity_id   1
_entity_poly.type   'polypeptide(L)'
_entity_poly.pdbx_seq_one_letter_code
;MTSSPVTPSAVDDAPDWPAAFVRRYLDAGHWQDQSFAEALATSAARHPRRIALCDDDQRLSYADLLQRCRRLAAGLRQAG
LAHGDTVVLHLPNGIAFVETCFALFQLGVRPVLALPAHRQHEISGFCRFAEAKAYIGAERIDGFDPRPMARELLASGACR
MALIHGEAEAPLQALAPLYQADALEDCAARAEDIACFQLSGGTTGTPKLIPRRHREYLYNVRASAEVCGFDEHTVYLTGL
PMAHNFTLCCPGVIGTLLASGRVVVSQRADPEHCFALIARERVTHTALVPPLAMLWLDAQESRRADLSSLRLLQVGGSRL
GSSAAQRVEPVLGCQLQQVLGMAEGLICYTRLDDPPERVLHTQGRPLSPDDEVRVVDAEGREVGPGEVGELTVRGPYTIR
GYYRLPEHNAKAFSADGFYRTGDRVSRDKDGYLVVEGRDKDQINRGGEKIAAEEVENLLIAHPQVHDATVVAMPDSLLGE
RTCAFVIPRQPAPSALKLKQYLHACGLAAFKVPDRIELVPAFPQTGIGKISKKDLRERLRRELEARA
;
_entity_poly.pdbx_strand_id   A
#
# COMPACT_ATOMS: atom_id res chain seq x y z
N ALA A 14 6.53 8.93 -19.79
CA ALA A 14 6.27 7.48 -19.55
C ALA A 14 7.22 6.39 -20.13
N PRO A 15 8.39 6.26 -19.55
CA PRO A 15 9.40 5.33 -20.08
C PRO A 15 8.96 3.87 -19.98
N ASP A 16 9.36 3.08 -20.97
CA ASP A 16 8.94 1.69 -21.10
C ASP A 16 10.13 0.76 -20.83
N TRP A 17 9.84 -0.54 -20.85
CA TRP A 17 10.86 -1.58 -20.81
C TRP A 17 11.53 -1.71 -22.18
N PRO A 18 12.87 -1.80 -22.24
CA PRO A 18 13.53 -2.10 -23.52
C PRO A 18 13.04 -3.41 -24.09
N ALA A 19 13.29 -3.58 -25.39
CA ALA A 19 12.69 -4.70 -26.11
C ALA A 19 13.15 -6.06 -25.57
N ALA A 20 14.43 -6.18 -25.20
CA ALA A 20 14.90 -7.47 -24.66
C ALA A 20 14.05 -7.92 -23.47
N PHE A 21 13.66 -6.97 -22.63
CA PHE A 21 12.94 -7.32 -21.41
C PHE A 21 11.50 -7.66 -21.74
N VAL A 22 10.86 -6.86 -22.57
CA VAL A 22 9.54 -7.20 -23.06
C VAL A 22 9.52 -8.63 -23.56
N ARG A 23 10.47 -8.99 -24.44
CA ARG A 23 10.42 -10.31 -25.07
C ARG A 23 10.57 -11.41 -24.04
N ARG A 24 11.49 -11.21 -23.08
CA ARG A 24 11.72 -12.21 -22.04
CA ARG A 24 11.70 -12.23 -22.07
C ARG A 24 10.55 -12.33 -21.07
N TYR A 25 9.83 -11.23 -20.80
CA TYR A 25 8.70 -11.31 -19.87
C TYR A 25 7.46 -11.92 -20.54
N LEU A 26 7.37 -11.82 -21.87
CA LEU A 26 6.32 -12.52 -22.59
C LEU A 26 6.66 -14.00 -22.76
N ASP A 27 7.92 -14.29 -23.15
CA ASP A 27 8.40 -15.68 -23.20
C ASP A 27 8.28 -16.36 -21.84
N ALA A 28 8.64 -15.67 -20.75
CA ALA A 28 8.49 -16.32 -19.45
C ALA A 28 7.03 -16.59 -19.09
N GLY A 29 6.07 -16.00 -19.81
CA GLY A 29 4.67 -16.09 -19.46
C GLY A 29 4.20 -15.12 -18.39
N HIS A 30 5.01 -14.13 -18.02
CA HIS A 30 4.62 -13.21 -16.96
C HIS A 30 3.57 -12.24 -17.45
N TRP A 31 3.79 -11.69 -18.63
CA TRP A 31 2.93 -10.71 -19.28
C TRP A 31 1.96 -11.43 -20.22
N GLN A 32 0.70 -11.55 -19.83
CA GLN A 32 -0.34 -12.11 -20.68
C GLN A 32 -1.04 -10.94 -21.41
N ASP A 33 -2.08 -11.24 -22.19
CA ASP A 33 -2.62 -10.31 -23.17
C ASP A 33 -4.05 -9.86 -22.82
N GLN A 34 -4.37 -9.71 -21.53
CA GLN A 34 -5.66 -9.14 -21.14
C GLN A 34 -5.49 -7.86 -20.33
N SER A 35 -6.48 -6.99 -20.46
CA SER A 35 -6.62 -5.80 -19.64
C SER A 35 -7.39 -6.13 -18.37
N PHE A 36 -7.31 -5.21 -17.37
CA PHE A 36 -8.02 -5.37 -16.09
C PHE A 36 -9.50 -5.67 -16.31
N ALA A 37 -10.14 -4.93 -17.22
CA ALA A 37 -11.56 -5.14 -17.48
C ALA A 37 -11.83 -6.56 -17.98
N GLU A 38 -11.11 -6.98 -19.02
CA GLU A 38 -11.22 -8.35 -19.52
C GLU A 38 -11.00 -9.37 -18.38
N ALA A 39 -10.03 -9.12 -17.50
CA ALA A 39 -9.79 -10.08 -16.42
C ALA A 39 -10.95 -10.14 -15.43
N LEU A 40 -11.54 -9.00 -15.08
CA LEU A 40 -12.66 -9.05 -14.14
C LEU A 40 -13.85 -9.76 -14.78
N ALA A 41 -14.12 -9.44 -16.04
CA ALA A 41 -15.18 -10.08 -16.79
C ALA A 41 -14.99 -11.59 -16.88
N THR A 42 -13.76 -12.04 -17.10
CA THR A 42 -13.47 -13.47 -17.09
C THR A 42 -13.78 -14.08 -15.73
N SER A 43 -13.35 -13.42 -14.66
CA SER A 43 -13.63 -13.94 -13.34
C SER A 43 -15.13 -13.95 -13.09
N ALA A 44 -15.80 -12.87 -13.45
CA ALA A 44 -17.24 -12.83 -13.23
C ALA A 44 -17.94 -13.98 -13.92
N ALA A 45 -17.46 -14.34 -15.11
CA ALA A 45 -18.12 -15.37 -15.91
C ALA A 45 -17.97 -16.71 -15.25
N ARG A 46 -16.94 -16.85 -14.41
CA ARG A 46 -16.74 -18.12 -13.76
C ARG A 46 -17.75 -18.31 -12.65
N HIS A 47 -18.17 -17.24 -11.98
CA HIS A 47 -19.02 -17.33 -10.78
C HIS A 47 -19.98 -16.16 -10.71
N PRO A 48 -20.87 -16.05 -11.69
CA PRO A 48 -21.64 -14.81 -11.83
C PRO A 48 -22.53 -14.46 -10.65
N ARG A 49 -23.05 -15.43 -9.88
CA ARG A 49 -23.98 -15.05 -8.83
C ARG A 49 -23.30 -14.87 -7.49
N ARG A 50 -22.06 -15.35 -7.37
CA ARG A 50 -21.32 -15.29 -6.12
C ARG A 50 -21.15 -13.84 -5.72
N ILE A 51 -21.24 -13.57 -4.41
CA ILE A 51 -21.04 -12.22 -3.90
C ILE A 51 -19.59 -11.84 -4.07
N ALA A 52 -19.34 -10.75 -4.80
CA ALA A 52 -17.99 -10.26 -5.00
C ALA A 52 -17.60 -9.14 -4.07
N LEU A 53 -18.53 -8.27 -3.73
CA LEU A 53 -18.30 -7.14 -2.84
C LEU A 53 -19.44 -6.94 -1.87
N CYS A 54 -19.06 -6.63 -0.63
CA CYS A 54 -20.02 -6.35 0.44
CA CYS A 54 -20.04 -6.33 0.40
C CYS A 54 -19.59 -5.09 1.17
N ASP A 55 -20.59 -4.28 1.57
CA ASP A 55 -20.46 -3.08 2.38
C ASP A 55 -21.44 -3.28 3.55
N ASP A 56 -21.83 -2.23 4.27
CA ASP A 56 -22.59 -2.56 5.48
C ASP A 56 -23.97 -3.08 5.14
N ASP A 57 -24.51 -2.64 4.00
CA ASP A 57 -25.82 -3.04 3.50
C ASP A 57 -25.77 -3.65 2.13
N GLN A 58 -24.90 -3.26 1.23
CA GLN A 58 -25.24 -3.66 -0.12
C GLN A 58 -24.27 -4.83 -0.36
N ARG A 59 -24.70 -5.78 -1.20
CA ARG A 59 -23.90 -6.96 -1.57
CA ARG A 59 -23.90 -6.96 -1.57
C ARG A 59 -24.10 -7.08 -3.07
N LEU A 60 -23.01 -7.14 -3.82
CA LEU A 60 -23.10 -7.26 -5.27
C LEU A 60 -22.52 -8.60 -5.71
N SER A 61 -23.28 -9.34 -6.51
CA SER A 61 -22.74 -10.50 -7.24
C SER A 61 -21.73 -10.05 -8.29
N TYR A 62 -20.87 -10.99 -8.72
CA TYR A 62 -19.93 -10.69 -9.81
C TYR A 62 -20.68 -10.16 -11.02
N ALA A 63 -21.85 -10.70 -11.31
CA ALA A 63 -22.51 -10.28 -12.53
C ALA A 63 -23.15 -8.91 -12.36
N ASP A 64 -23.62 -8.59 -11.15
CA ASP A 64 -24.16 -7.26 -10.90
C ASP A 64 -23.05 -6.23 -10.90
N LEU A 65 -21.91 -6.54 -10.31
CA LEU A 65 -20.76 -5.65 -10.39
C LEU A 65 -20.39 -5.39 -11.85
N LEU A 66 -20.26 -6.45 -12.64
CA LEU A 66 -19.85 -6.26 -14.02
C LEU A 66 -20.83 -5.35 -14.74
N GLN A 67 -22.12 -5.52 -14.48
CA GLN A 67 -23.12 -4.77 -15.25
C GLN A 67 -23.10 -3.31 -14.86
N ARG A 68 -23.03 -3.07 -13.55
CA ARG A 68 -22.93 -1.71 -13.04
C ARG A 68 -21.69 -1.02 -13.59
N CYS A 69 -20.53 -1.69 -13.56
CA CYS A 69 -19.33 -1.12 -14.17
C CYS A 69 -19.58 -0.74 -15.63
N ARG A 70 -20.25 -1.62 -16.37
CA ARG A 70 -20.48 -1.33 -17.77
C ARG A 70 -21.42 -0.15 -17.92
N ARG A 71 -22.41 -0.05 -17.03
CA ARG A 71 -23.36 1.07 -17.12
C ARG A 71 -22.65 2.37 -16.77
N LEU A 72 -21.86 2.36 -15.68
CA LEU A 72 -21.06 3.55 -15.34
C LEU A 72 -20.10 3.93 -16.47
N ALA A 73 -19.52 2.95 -17.13
CA ALA A 73 -18.61 3.27 -18.22
C ALA A 73 -19.34 4.03 -19.31
N ALA A 74 -20.49 3.50 -19.73
CA ALA A 74 -21.31 4.21 -20.70
C ALA A 74 -21.60 5.64 -20.24
N GLY A 75 -22.01 5.83 -18.99
CA GLY A 75 -22.32 7.16 -18.51
C GLY A 75 -21.12 8.08 -18.53
N LEU A 76 -19.98 7.58 -18.07
CA LEU A 76 -18.76 8.38 -18.10
C LEU A 76 -18.39 8.75 -19.54
N ARG A 77 -18.54 7.81 -20.49
CA ARG A 77 -18.26 8.16 -21.88
C ARG A 77 -19.21 9.26 -22.35
N GLN A 78 -20.49 9.16 -21.99
CA GLN A 78 -21.47 10.18 -22.33
C GLN A 78 -21.12 11.51 -21.70
N ALA A 79 -20.44 11.48 -20.55
CA ALA A 79 -20.02 12.71 -19.89
C ALA A 79 -18.75 13.30 -20.48
N GLY A 80 -18.11 12.64 -21.43
CA GLY A 80 -16.92 13.21 -22.04
C GLY A 80 -15.63 12.47 -21.78
N LEU A 81 -15.62 11.39 -20.99
CA LEU A 81 -14.34 10.73 -20.73
C LEU A 81 -14.02 9.79 -21.89
N ALA A 82 -12.83 9.95 -22.48
CA ALA A 82 -12.43 9.14 -23.64
C ALA A 82 -11.13 8.37 -23.37
N HIS A 83 -10.91 7.34 -24.22
CA HIS A 83 -9.68 6.53 -24.18
C HIS A 83 -8.46 7.45 -24.21
N GLY A 84 -7.54 7.25 -23.26
CA GLY A 84 -6.37 8.07 -23.13
C GLY A 84 -6.52 9.25 -22.20
N ASP A 85 -7.74 9.63 -21.85
CA ASP A 85 -7.91 10.62 -20.79
C ASP A 85 -7.41 10.10 -19.44
N THR A 86 -7.20 11.06 -18.52
CA THR A 86 -6.80 10.83 -17.14
C THR A 86 -7.82 11.47 -16.22
N VAL A 87 -8.02 10.84 -15.06
CA VAL A 87 -8.89 11.37 -14.03
C VAL A 87 -8.21 11.22 -12.68
N VAL A 88 -8.60 12.07 -11.74
CA VAL A 88 -8.12 11.93 -10.36
C VAL A 88 -9.24 11.25 -9.59
N LEU A 89 -8.93 10.10 -9.02
CA LEU A 89 -9.90 9.26 -8.34
C LEU A 89 -9.61 9.33 -6.84
N HIS A 90 -10.52 9.96 -6.10
CA HIS A 90 -10.32 10.32 -4.70
C HIS A 90 -11.58 9.87 -3.98
N LEU A 91 -11.64 8.59 -3.61
CA LEU A 91 -12.86 8.08 -3.05
C LEU A 91 -12.53 7.30 -1.79
N PRO A 92 -13.41 7.31 -0.80
CA PRO A 92 -13.22 6.43 0.35
C PRO A 92 -13.36 4.98 -0.07
N ASN A 93 -12.95 4.08 0.83
CA ASN A 93 -13.17 2.67 0.61
C ASN A 93 -14.66 2.40 0.43
N GLY A 94 -14.99 1.60 -0.57
CA GLY A 94 -16.39 1.40 -0.85
C GLY A 94 -16.57 0.75 -2.20
N ILE A 95 -17.83 0.41 -2.46
CA ILE A 95 -18.21 -0.18 -3.74
C ILE A 95 -17.97 0.79 -4.89
N ALA A 96 -18.24 2.08 -4.64
CA ALA A 96 -18.09 3.06 -5.72
C ALA A 96 -16.66 3.10 -6.24
N PHE A 97 -15.68 2.96 -5.34
CA PHE A 97 -14.28 2.92 -5.75
C PHE A 97 -14.05 1.78 -6.76
N VAL A 98 -14.54 0.58 -6.45
CA VAL A 98 -14.32 -0.57 -7.37
C VAL A 98 -15.02 -0.34 -8.70
N GLU A 99 -16.31 0.00 -8.64
CA GLU A 99 -17.09 0.25 -9.85
C GLU A 99 -16.41 1.30 -10.71
N THR A 100 -15.99 2.41 -10.11
CA THR A 100 -15.42 3.49 -10.91
C THR A 100 -14.11 3.08 -11.52
N CYS A 101 -13.24 2.44 -10.74
CA CYS A 101 -11.99 1.95 -11.28
CA CYS A 101 -11.99 1.95 -11.30
C CYS A 101 -12.20 1.13 -12.54
N PHE A 102 -13.00 0.06 -12.43
CA PHE A 102 -13.17 -0.89 -13.52
C PHE A 102 -13.92 -0.27 -14.70
N ALA A 103 -14.82 0.69 -14.46
CA ALA A 103 -15.42 1.41 -15.58
C ALA A 103 -14.38 2.21 -16.33
N LEU A 104 -13.44 2.83 -15.59
CA LEU A 104 -12.37 3.57 -16.25
C LEU A 104 -11.42 2.61 -16.95
N PHE A 105 -11.12 1.48 -16.32
CA PHE A 105 -10.31 0.49 -17.03
C PHE A 105 -10.94 0.12 -18.38
N GLN A 106 -12.25 -0.15 -18.39
CA GLN A 106 -12.94 -0.51 -19.64
C GLN A 106 -12.80 0.56 -20.71
N LEU A 107 -12.82 1.82 -20.32
CA LEU A 107 -12.86 2.92 -21.27
C LEU A 107 -11.48 3.33 -21.73
N GLY A 108 -10.44 2.76 -21.14
CA GLY A 108 -9.09 3.20 -21.39
C GLY A 108 -8.79 4.54 -20.77
N VAL A 109 -9.49 4.91 -19.69
CA VAL A 109 -9.26 6.15 -18.99
C VAL A 109 -8.44 5.84 -17.75
N ARG A 110 -7.36 6.58 -17.53
CA ARG A 110 -6.37 6.21 -16.51
C ARG A 110 -6.66 6.93 -15.19
N PRO A 111 -6.95 6.23 -14.11
CA PRO A 111 -7.19 6.95 -12.86
C PRO A 111 -5.90 7.19 -12.13
N VAL A 112 -5.75 8.41 -11.63
CA VAL A 112 -4.77 8.70 -10.58
C VAL A 112 -5.40 8.24 -9.27
N LEU A 113 -4.71 7.35 -8.57
CA LEU A 113 -5.28 6.68 -7.38
C LEU A 113 -4.91 7.47 -6.12
N ALA A 114 -5.55 8.61 -5.97
CA ALA A 114 -5.31 9.47 -4.81
C ALA A 114 -5.74 8.78 -3.53
N LEU A 115 -5.10 9.10 -2.43
CA LEU A 115 -5.44 8.50 -1.15
C LEU A 115 -6.51 9.32 -0.41
N PRO A 116 -7.26 8.68 0.48
CA PRO A 116 -8.24 9.45 1.27
C PRO A 116 -7.62 10.58 2.06
N ALA A 117 -6.41 10.39 2.58
CA ALA A 117 -5.77 11.43 3.35
C ALA A 117 -5.31 12.62 2.51
N HIS A 118 -5.37 12.54 1.18
CA HIS A 118 -4.86 13.64 0.35
C HIS A 118 -5.86 14.79 0.30
N ARG A 119 -5.30 16.01 0.21
CA ARG A 119 -6.04 17.25 0.33
C ARG A 119 -5.71 18.12 -0.87
N GLN A 120 -5.98 19.42 -0.75
CA GLN A 120 -6.02 20.25 -1.95
C GLN A 120 -4.66 20.35 -2.59
N HIS A 121 -3.61 20.50 -1.77
CA HIS A 121 -2.27 20.61 -2.30
C HIS A 121 -1.97 19.43 -3.23
N GLU A 122 -2.20 18.21 -2.74
CA GLU A 122 -1.93 17.03 -3.55
C GLU A 122 -2.91 16.92 -4.71
N ILE A 123 -4.22 17.06 -4.42
CA ILE A 123 -5.22 16.81 -5.46
C ILE A 123 -5.02 17.74 -6.63
N SER A 124 -4.83 19.02 -6.32
CA SER A 124 -4.57 20.02 -7.35
C SER A 124 -3.34 19.66 -8.16
N GLY A 125 -2.28 19.22 -7.48
CA GLY A 125 -1.06 18.86 -8.20
C GLY A 125 -1.29 17.69 -9.14
N PHE A 126 -2.02 16.68 -8.67
CA PHE A 126 -2.32 15.52 -9.50
C PHE A 126 -3.14 15.90 -10.73
N CYS A 127 -4.20 16.69 -10.54
CA CYS A 127 -5.02 17.09 -11.69
C CYS A 127 -4.17 17.84 -12.70
N ARG A 128 -3.35 18.77 -12.21
CA ARG A 128 -2.57 19.63 -13.09
C ARG A 128 -1.47 18.84 -13.78
N PHE A 129 -0.71 18.06 -13.01
CA PHE A 129 0.39 17.33 -13.61
C PHE A 129 -0.12 16.33 -14.62
N ALA A 130 -1.25 15.67 -14.35
CA ALA A 130 -1.77 14.69 -15.29
C ALA A 130 -2.71 15.28 -16.34
N GLU A 131 -3.06 16.55 -16.22
CA GLU A 131 -4.03 17.14 -17.15
C GLU A 131 -5.31 16.30 -17.12
N ALA A 132 -5.79 16.05 -15.90
CA ALA A 132 -6.99 15.26 -15.69
C ALA A 132 -8.19 15.94 -16.32
N LYS A 133 -9.00 15.17 -17.03
CA LYS A 133 -10.27 15.73 -17.48
C LYS A 133 -11.25 15.87 -16.33
N ALA A 134 -11.17 15.02 -15.30
CA ALA A 134 -12.17 15.02 -14.23
C ALA A 134 -11.54 14.70 -12.89
N TYR A 135 -12.16 15.25 -11.84
CA TYR A 135 -11.99 14.79 -10.47
C TYR A 135 -13.25 14.01 -10.11
N ILE A 136 -13.06 12.84 -9.51
CA ILE A 136 -14.15 11.97 -9.07
C ILE A 136 -13.98 11.78 -7.59
N GLY A 137 -14.98 12.21 -6.83
CA GLY A 137 -14.84 12.32 -5.38
C GLY A 137 -16.11 11.93 -4.69
N ALA A 138 -16.17 12.07 -3.38
CA ALA A 138 -17.38 11.74 -2.64
C ALA A 138 -17.84 12.93 -1.82
N GLU A 139 -19.06 12.80 -1.27
CA GLU A 139 -19.60 13.91 -0.48
C GLU A 139 -18.78 14.09 0.77
N ARG A 140 -18.14 13.02 1.24
CA ARG A 140 -17.23 13.10 2.38
C ARG A 140 -16.18 12.00 2.25
N ILE A 141 -14.97 12.27 2.75
CA ILE A 141 -13.84 11.35 2.67
C ILE A 141 -12.86 11.61 3.81
N ASP A 142 -12.58 10.57 4.60
CA ASP A 142 -11.63 10.67 5.72
C ASP A 142 -11.92 11.90 6.56
N GLY A 143 -13.21 12.14 6.85
CA GLY A 143 -13.63 13.27 7.67
C GLY A 143 -13.60 14.62 6.97
N PHE A 144 -13.19 14.67 5.71
CA PHE A 144 -13.01 15.89 4.93
C PHE A 144 -14.18 16.06 3.97
N ASP A 145 -14.68 17.28 3.86
CA ASP A 145 -15.65 17.63 2.84
C ASP A 145 -14.87 18.14 1.64
N PRO A 146 -14.79 17.38 0.54
CA PRO A 146 -13.96 17.82 -0.59
C PRO A 146 -14.67 18.69 -1.60
N ARG A 147 -15.94 19.01 -1.36
CA ARG A 147 -16.74 19.71 -2.38
C ARG A 147 -16.30 21.17 -2.56
N PRO A 148 -15.95 21.91 -1.51
CA PRO A 148 -15.31 23.22 -1.73
C PRO A 148 -14.06 23.12 -2.61
N MET A 149 -13.14 22.22 -2.28
CA MET A 149 -11.94 22.02 -3.10
C MET A 149 -12.31 21.73 -4.54
N ALA A 150 -13.29 20.85 -4.75
CA ALA A 150 -13.65 20.46 -6.10
C ALA A 150 -14.16 21.66 -6.89
N ARG A 151 -14.89 22.57 -6.21
CA ARG A 151 -15.31 23.81 -6.86
C ARG A 151 -14.12 24.69 -7.23
N GLU A 152 -13.13 24.79 -6.33
CA GLU A 152 -11.94 25.58 -6.67
C GLU A 152 -11.14 24.89 -7.78
N LEU A 153 -11.08 23.54 -7.78
CA LEU A 153 -10.41 22.88 -8.90
C LEU A 153 -11.02 23.31 -10.23
N LEU A 154 -12.35 23.36 -10.29
CA LEU A 154 -13.01 23.74 -11.53
C LEU A 154 -12.82 25.24 -11.81
N ALA A 155 -12.87 26.06 -10.75
CA ALA A 155 -12.75 27.50 -10.98
C ALA A 155 -11.36 27.88 -11.48
N SER A 156 -10.34 27.14 -11.08
CA SER A 156 -8.94 27.41 -11.40
C SER A 156 -8.49 26.75 -12.68
N GLY A 157 -9.34 25.93 -13.30
CA GLY A 157 -8.90 25.17 -14.45
C GLY A 157 -8.05 23.96 -14.14
N ALA A 158 -8.09 23.45 -12.90
CA ALA A 158 -7.28 22.29 -12.57
C ALA A 158 -7.80 21.03 -13.25
N CYS A 159 -9.12 20.93 -13.38
CA CYS A 159 -9.75 19.91 -14.20
C CYS A 159 -10.99 20.54 -14.81
N ARG A 160 -11.52 19.79 -15.74
CA ARG A 160 -12.60 20.20 -16.60
C ARG A 160 -13.96 19.92 -15.98
N MET A 161 -14.04 18.95 -15.08
CA MET A 161 -15.28 18.30 -14.65
C MET A 161 -14.99 17.82 -13.24
N ALA A 162 -16.03 17.76 -12.44
CA ALA A 162 -15.95 17.22 -11.09
C ALA A 162 -17.20 16.38 -10.81
N LEU A 163 -17.00 15.10 -10.57
CA LEU A 163 -18.09 14.17 -10.33
C LEU A 163 -18.04 13.85 -8.85
N ILE A 164 -19.19 13.89 -8.20
CA ILE A 164 -19.29 13.58 -6.77
C ILE A 164 -20.27 12.43 -6.59
N HIS A 165 -19.82 11.35 -5.95
CA HIS A 165 -20.74 10.32 -5.45
C HIS A 165 -21.38 10.90 -4.19
N GLY A 166 -22.70 11.13 -4.24
CA GLY A 166 -23.39 11.80 -3.16
C GLY A 166 -24.03 13.12 -3.57
N GLU A 167 -24.30 13.94 -2.58
CA GLU A 167 -25.06 15.17 -2.73
C GLU A 167 -24.02 16.27 -3.07
N ALA A 168 -24.30 17.14 -4.05
CA ALA A 168 -23.37 18.27 -4.21
C ALA A 168 -24.00 19.41 -4.98
N GLU A 169 -23.52 20.62 -4.76
CA GLU A 169 -24.06 21.79 -5.45
C GLU A 169 -23.31 22.00 -6.76
N ALA A 170 -24.03 22.36 -7.81
CA ALA A 170 -23.40 22.85 -9.03
C ALA A 170 -22.34 23.88 -8.69
N PRO A 171 -21.23 23.92 -9.40
CA PRO A 171 -20.97 23.31 -10.70
C PRO A 171 -20.42 21.86 -10.66
N LEU A 172 -20.43 21.25 -9.48
CA LEU A 172 -20.14 19.83 -9.36
C LEU A 172 -21.31 19.02 -9.92
N GLN A 173 -21.01 17.86 -10.47
CA GLN A 173 -21.99 16.99 -11.11
C GLN A 173 -22.10 15.67 -10.36
N ALA A 174 -23.30 15.07 -10.37
CA ALA A 174 -23.55 13.87 -9.58
C ALA A 174 -23.05 12.64 -10.34
N LEU A 175 -22.44 11.72 -9.61
CA LEU A 175 -21.99 10.47 -10.24
C LEU A 175 -23.13 9.46 -10.38
N ALA A 176 -24.09 9.43 -9.47
CA ALA A 176 -25.08 8.34 -9.50
C ALA A 176 -25.91 8.26 -10.78
N PRO A 177 -26.39 9.37 -11.36
CA PRO A 177 -27.20 9.26 -12.58
C PRO A 177 -26.51 8.55 -13.73
N LEU A 178 -25.18 8.62 -13.75
CA LEU A 178 -24.43 7.98 -14.82
C LEU A 178 -24.55 6.46 -14.81
N TYR A 179 -24.91 5.86 -13.68
CA TYR A 179 -25.17 4.41 -13.65
C TYR A 179 -26.43 4.02 -14.40
N GLN A 180 -27.29 4.97 -14.77
CA GLN A 180 -28.55 4.65 -15.43
C GLN A 180 -28.38 4.43 -16.94
N ALA A 181 -27.16 4.55 -17.45
CA ALA A 181 -26.96 4.30 -18.87
C ALA A 181 -27.06 2.82 -19.21
N ASP A 182 -27.25 2.56 -20.50
CA ASP A 182 -27.22 1.20 -21.02
C ASP A 182 -25.80 0.70 -21.04
N ALA A 183 -25.63 -0.56 -20.71
CA ALA A 183 -24.31 -1.07 -20.42
C ALA A 183 -23.40 -1.01 -21.64
N LEU A 184 -22.23 -0.40 -21.47
CA LEU A 184 -21.25 -0.46 -22.53
C LEU A 184 -20.61 -1.85 -22.57
N GLU A 185 -20.51 -2.42 -23.75
CA GLU A 185 -20.08 -3.81 -23.92
C GLU A 185 -18.67 -3.90 -24.47
N ASP A 186 -18.16 -2.81 -25.03
CA ASP A 186 -16.84 -2.74 -25.62
C ASP A 186 -15.77 -2.35 -24.60
N CYS A 187 -14.56 -2.88 -24.81
N CYS A 187 -14.55 -2.87 -24.82
CA CYS A 187 -13.37 -2.49 -24.06
CA CYS A 187 -13.37 -2.47 -24.05
C CYS A 187 -12.41 -1.76 -25.01
C CYS A 187 -12.39 -1.77 -24.99
N ALA A 188 -11.87 -0.63 -24.57
CA ALA A 188 -10.97 0.15 -25.40
C ALA A 188 -9.52 0.05 -24.94
N ALA A 189 -9.25 -0.80 -23.97
CA ALA A 189 -7.94 -0.88 -23.35
C ALA A 189 -7.15 -2.04 -23.94
N ARG A 190 -5.88 -1.79 -24.19
CA ARG A 190 -4.91 -2.78 -24.64
C ARG A 190 -3.99 -3.17 -23.49
N ALA A 191 -3.49 -4.41 -23.53
CA ALA A 191 -2.78 -4.93 -22.37
C ALA A 191 -1.49 -4.16 -22.10
N GLU A 192 -0.97 -3.47 -23.13
CA GLU A 192 0.28 -2.73 -23.04
C GLU A 192 0.10 -1.29 -22.65
N ASP A 193 -1.12 -0.81 -22.59
CA ASP A 193 -1.39 0.55 -22.16
C ASP A 193 -1.24 0.72 -20.66
N ILE A 194 -0.96 1.97 -20.27
CA ILE A 194 -1.10 2.41 -18.88
C ILE A 194 -2.54 2.18 -18.45
N ALA A 195 -2.70 1.55 -17.29
CA ALA A 195 -4.02 1.26 -16.77
C ALA A 195 -4.40 2.33 -15.78
N CYS A 196 -3.43 2.67 -14.93
CA CYS A 196 -3.65 3.67 -13.89
C CYS A 196 -2.31 4.29 -13.51
N PHE A 197 -2.39 5.40 -12.80
CA PHE A 197 -1.23 5.97 -12.14
C PHE A 197 -1.33 5.70 -10.65
N GLN A 198 -0.40 4.90 -10.13
CA GLN A 198 -0.16 4.77 -8.69
C GLN A 198 0.65 5.97 -8.21
N LEU A 199 0.89 6.03 -6.91
CA LEU A 199 1.54 7.15 -6.31
C LEU A 199 2.68 6.73 -5.40
N SER A 200 3.78 7.48 -5.46
CA SER A 200 4.91 7.19 -4.57
C SER A 200 4.48 7.56 -3.16
N GLY A 201 5.13 6.92 -2.19
CA GLY A 201 4.88 7.21 -0.79
C GLY A 201 5.96 8.09 -0.20
N THR A 206 5.03 16.24 -2.72
CA THR A 206 3.88 15.77 -3.50
C THR A 206 4.21 14.43 -4.18
N PRO A 207 3.30 13.46 -4.06
CA PRO A 207 3.59 12.14 -4.61
C PRO A 207 3.73 12.18 -6.11
N LYS A 208 4.68 11.39 -6.59
CA LYS A 208 4.97 11.23 -8.00
C LYS A 208 4.01 10.25 -8.63
N LEU A 209 3.79 10.40 -9.91
CA LEU A 209 2.88 9.53 -10.61
C LEU A 209 3.62 8.30 -11.15
N ILE A 210 3.08 7.13 -10.84
CA ILE A 210 3.70 5.86 -11.23
C ILE A 210 2.82 5.23 -12.33
N PRO A 211 3.31 5.16 -13.54
CA PRO A 211 2.49 4.59 -14.61
C PRO A 211 2.52 3.07 -14.55
N ARG A 212 1.38 2.47 -14.26
CA ARG A 212 1.28 1.02 -14.15
C ARG A 212 0.50 0.56 -15.36
N ARG A 213 0.98 -0.49 -16.01
CA ARG A 213 0.40 -1.00 -17.25
C ARG A 213 -0.39 -2.26 -16.96
N HIS A 214 -1.37 -2.54 -17.84
CA HIS A 214 -2.28 -3.65 -17.56
C HIS A 214 -1.53 -4.95 -17.39
N ARG A 215 -0.66 -5.30 -18.35
CA ARG A 215 -0.09 -6.65 -18.33
C ARG A 215 0.88 -6.83 -17.17
N GLU A 216 1.62 -5.80 -16.81
CA GLU A 216 2.59 -5.98 -15.73
C GLU A 216 1.92 -5.92 -14.36
N TYR A 217 0.94 -5.06 -14.22
CA TYR A 217 0.30 -4.90 -12.95
C TYR A 217 -0.66 -6.10 -12.72
N LEU A 218 -1.14 -6.74 -13.81
CA LEU A 218 -1.89 -7.98 -13.61
C LEU A 218 -0.95 -9.13 -13.24
N TYR A 219 0.22 -9.18 -13.87
CA TYR A 219 1.22 -10.13 -13.40
C TYR A 219 1.43 -9.97 -11.88
N ASN A 220 1.59 -8.71 -11.43
CA ASN A 220 1.78 -8.39 -10.01
C ASN A 220 0.67 -9.02 -9.18
N VAL A 221 -0.57 -8.81 -9.64
CA VAL A 221 -1.74 -9.32 -8.93
C VAL A 221 -1.76 -10.85 -8.96
N ARG A 222 -1.62 -11.40 -10.16
CA ARG A 222 -1.91 -12.83 -10.27
C ARG A 222 -0.89 -13.61 -9.45
N ALA A 223 0.38 -13.21 -9.54
CA ALA A 223 1.45 -13.94 -8.88
C ALA A 223 1.39 -13.75 -7.37
N SER A 224 1.05 -12.54 -6.92
CA SER A 224 0.85 -12.35 -5.49
C SER A 224 -0.23 -13.27 -4.97
N ALA A 225 -1.33 -13.43 -5.74
CA ALA A 225 -2.46 -14.23 -5.29
C ALA A 225 -2.08 -15.71 -5.12
N GLU A 226 -1.41 -16.30 -6.11
CA GLU A 226 -0.65 -17.55 -5.89
C GLU A 226 0.23 -17.57 -4.67
N VAL A 227 1.13 -16.62 -4.50
CA VAL A 227 2.03 -16.71 -3.34
C VAL A 227 1.26 -16.69 -2.00
N CYS A 228 0.18 -15.90 -1.93
CA CYS A 228 -0.60 -15.73 -0.71
C CYS A 228 -1.75 -16.72 -0.61
N GLY A 229 -1.92 -17.58 -1.59
CA GLY A 229 -2.89 -18.67 -1.48
C GLY A 229 -4.33 -18.25 -1.60
N PHE A 230 -4.59 -17.15 -2.31
CA PHE A 230 -5.94 -16.69 -2.56
C PHE A 230 -6.72 -17.69 -3.40
N ASP A 231 -8.01 -17.84 -3.10
CA ASP A 231 -8.85 -18.79 -3.84
C ASP A 231 -10.32 -18.37 -3.68
N GLU A 232 -11.23 -19.26 -4.08
CA GLU A 232 -12.63 -18.92 -4.17
C GLU A 232 -13.22 -18.61 -2.81
N HIS A 233 -12.54 -19.02 -1.75
CA HIS A 233 -13.03 -18.86 -0.39
C HIS A 233 -12.37 -17.70 0.33
N THR A 234 -11.48 -16.97 -0.35
CA THR A 234 -10.82 -15.83 0.28
C THR A 234 -11.85 -14.75 0.53
N VAL A 235 -11.94 -14.33 1.78
CA VAL A 235 -12.81 -13.22 2.18
C VAL A 235 -11.86 -12.13 2.68
N TYR A 236 -11.71 -11.09 1.85
CA TYR A 236 -10.64 -10.11 1.98
C TYR A 236 -11.23 -8.86 2.61
N LEU A 237 -10.67 -8.47 3.76
CA LEU A 237 -11.04 -7.21 4.38
C LEU A 237 -10.04 -6.12 4.01
N THR A 238 -10.55 -4.98 3.53
CA THR A 238 -9.74 -3.81 3.25
C THR A 238 -9.33 -3.11 4.54
N GLY A 239 -8.17 -3.47 5.08
CA GLY A 239 -7.66 -2.79 6.26
C GLY A 239 -6.96 -1.48 6.00
N LEU A 240 -6.80 -1.11 4.74
CA LEU A 240 -6.04 0.05 4.34
C LEU A 240 -6.80 0.71 3.19
N PRO A 241 -6.40 1.87 2.75
CA PRO A 241 -7.07 2.48 1.60
C PRO A 241 -6.90 1.60 0.38
N MET A 242 -8.03 1.38 -0.33
CA MET A 242 -8.05 0.59 -1.56
C MET A 242 -7.21 1.20 -2.64
N ALA A 243 -7.01 2.53 -2.63
CA ALA A 243 -6.16 3.14 -3.64
C ALA A 243 -4.73 2.60 -3.54
N HIS A 244 -4.31 2.19 -2.36
CA HIS A 244 -2.91 1.88 -2.14
C HIS A 244 -2.60 0.51 -2.71
N ASN A 245 -1.36 0.36 -3.14
CA ASN A 245 -0.94 -0.77 -3.95
C ASN A 245 -1.00 -2.07 -3.13
N PHE A 246 -0.69 -1.98 -1.82
CA PHE A 246 -0.78 -3.14 -0.94
C PHE A 246 -2.21 -3.67 -0.95
N THR A 247 -3.15 -2.75 -0.78
CA THR A 247 -4.56 -3.07 -0.64
C THR A 247 -5.19 -3.43 -1.98
N LEU A 248 -4.66 -2.87 -3.06
CA LEU A 248 -5.29 -2.97 -4.38
C LEU A 248 -4.83 -4.22 -5.10
N CYS A 249 -3.50 -4.48 -5.05
CA CYS A 249 -2.96 -5.54 -5.87
C CYS A 249 -1.94 -6.50 -5.25
N CYS A 250 -1.70 -6.51 -3.94
CA CYS A 250 -0.64 -7.34 -3.36
C CYS A 250 -1.11 -8.35 -2.31
N PRO A 251 -2.08 -9.21 -2.64
CA PRO A 251 -2.85 -9.34 -3.87
C PRO A 251 -4.00 -8.37 -3.84
N GLY A 252 -4.47 -8.05 -2.66
CA GLY A 252 -5.46 -7.01 -2.55
C GLY A 252 -6.85 -7.34 -3.05
N VAL A 253 -7.58 -6.24 -3.23
CA VAL A 253 -8.94 -6.27 -3.73
C VAL A 253 -8.99 -6.91 -5.09
N ILE A 254 -8.08 -6.49 -5.98
CA ILE A 254 -8.14 -7.03 -7.32
C ILE A 254 -7.71 -8.51 -7.33
N GLY A 255 -6.69 -8.86 -6.54
CA GLY A 255 -6.35 -10.29 -6.44
C GLY A 255 -7.53 -11.10 -5.93
N THR A 256 -8.29 -10.54 -4.98
CA THR A 256 -9.45 -11.27 -4.48
C THR A 256 -10.47 -11.47 -5.57
N LEU A 257 -10.78 -10.40 -6.31
CA LEU A 257 -11.80 -10.45 -7.35
C LEU A 257 -11.39 -11.41 -8.47
N LEU A 258 -10.10 -11.38 -8.87
CA LEU A 258 -9.68 -12.29 -9.92
C LEU A 258 -9.56 -13.73 -9.41
N ALA A 259 -9.42 -13.94 -8.10
CA ALA A 259 -9.49 -15.32 -7.64
C ALA A 259 -10.94 -15.77 -7.43
N SER A 260 -11.89 -14.89 -7.69
CA SER A 260 -13.32 -15.14 -7.44
C SER A 260 -13.63 -15.26 -5.96
N GLY A 261 -12.94 -14.52 -5.11
CA GLY A 261 -13.30 -14.43 -3.69
C GLY A 261 -14.32 -13.32 -3.44
N ARG A 262 -14.35 -12.87 -2.18
CA ARG A 262 -15.24 -11.79 -1.79
C ARG A 262 -14.48 -10.74 -1.01
N VAL A 263 -14.79 -9.50 -1.32
CA VAL A 263 -14.15 -8.36 -0.70
C VAL A 263 -15.15 -7.73 0.26
N VAL A 264 -14.70 -7.55 1.50
CA VAL A 264 -15.44 -6.87 2.55
C VAL A 264 -14.82 -5.49 2.71
N VAL A 265 -15.56 -4.44 2.39
CA VAL A 265 -15.04 -3.08 2.50
C VAL A 265 -15.19 -2.54 3.92
N SER A 266 -14.25 -1.71 4.29
CA SER A 266 -14.28 -1.01 5.55
C SER A 266 -13.63 0.35 5.36
N GLN A 267 -14.21 1.38 5.96
CA GLN A 267 -13.60 2.70 5.96
C GLN A 267 -12.80 2.94 7.21
N ARG A 268 -12.64 1.94 8.08
CA ARG A 268 -11.96 2.11 9.35
C ARG A 268 -11.16 0.86 9.65
N ALA A 269 -10.05 1.02 10.35
CA ALA A 269 -9.18 -0.08 10.73
C ALA A 269 -9.09 -0.28 12.24
N ASP A 270 -9.85 0.45 13.03
CA ASP A 270 -9.85 0.20 14.46
C ASP A 270 -10.31 -1.24 14.78
N PRO A 271 -9.65 -1.89 15.73
CA PRO A 271 -10.03 -3.27 16.07
C PRO A 271 -11.48 -3.44 16.56
N GLU A 272 -12.10 -2.38 17.17
CA GLU A 272 -13.49 -2.45 17.60
C GLU A 272 -14.40 -2.75 16.40
N HIS A 273 -14.29 -1.91 15.34
CA HIS A 273 -15.12 -2.12 14.16
C HIS A 273 -14.69 -3.37 13.43
N CYS A 274 -13.37 -3.53 13.20
CA CYS A 274 -12.93 -4.58 12.28
C CYS A 274 -13.12 -5.97 12.87
N PHE A 275 -12.92 -6.10 14.17
CA PHE A 275 -13.14 -7.39 14.81
C PHE A 275 -14.60 -7.82 14.65
N ALA A 276 -15.54 -6.88 14.73
CA ALA A 276 -16.95 -7.25 14.60
C ALA A 276 -17.28 -7.59 13.15
N LEU A 277 -16.68 -6.84 12.21
CA LEU A 277 -16.86 -7.17 10.79
C LEU A 277 -16.35 -8.59 10.49
N ILE A 278 -15.14 -8.91 10.97
CA ILE A 278 -14.55 -10.23 10.76
C ILE A 278 -15.52 -11.32 11.21
N ALA A 279 -16.06 -11.15 12.42
CA ALA A 279 -17.06 -12.09 12.91
C ALA A 279 -18.26 -12.12 11.97
N ARG A 280 -18.75 -10.95 11.56
CA ARG A 280 -19.98 -10.92 10.79
C ARG A 280 -19.82 -11.59 9.43
N GLU A 281 -18.73 -11.27 8.73
CA GLU A 281 -18.55 -11.70 7.36
C GLU A 281 -17.64 -12.93 7.21
N ARG A 282 -17.11 -13.45 8.31
CA ARG A 282 -16.15 -14.56 8.27
C ARG A 282 -14.94 -14.20 7.38
N VAL A 283 -14.36 -13.03 7.67
CA VAL A 283 -13.15 -12.58 6.98
C VAL A 283 -12.06 -13.59 7.16
N THR A 284 -11.32 -13.86 6.08
CA THR A 284 -10.15 -14.73 6.15
C THR A 284 -8.83 -14.04 5.92
N HIS A 285 -8.82 -12.90 5.24
CA HIS A 285 -7.56 -12.27 4.86
C HIS A 285 -7.64 -10.77 5.00
N THR A 286 -6.52 -10.16 5.41
CA THR A 286 -6.44 -8.71 5.38
C THR A 286 -4.98 -8.28 5.36
N ALA A 287 -4.77 -6.98 5.24
CA ALA A 287 -3.43 -6.41 5.19
C ALA A 287 -3.37 -5.12 5.99
N LEU A 288 -2.32 -5.00 6.79
CA LEU A 288 -2.16 -3.86 7.67
C LEU A 288 -0.71 -3.34 7.63
N VAL A 289 -0.50 -2.11 8.09
CA VAL A 289 0.83 -1.58 8.36
C VAL A 289 1.10 -1.84 9.84
N PRO A 290 2.35 -1.84 10.29
CA PRO A 290 2.65 -2.23 11.69
C PRO A 290 1.80 -1.48 12.70
N PRO A 291 1.73 -0.14 12.66
CA PRO A 291 0.95 0.58 13.68
C PRO A 291 -0.47 0.05 13.82
N LEU A 292 -1.12 -0.32 12.72
CA LEU A 292 -2.46 -0.85 12.89
C LEU A 292 -2.43 -2.23 13.50
N ALA A 293 -1.47 -3.06 13.07
CA ALA A 293 -1.32 -4.39 13.63
C ALA A 293 -1.09 -4.32 15.14
N MET A 294 -0.32 -3.32 15.59
CA MET A 294 -0.13 -3.15 17.03
C MET A 294 -1.47 -2.95 17.71
N LEU A 295 -2.33 -2.10 17.14
CA LEU A 295 -3.64 -1.89 17.74
C LEU A 295 -4.40 -3.19 17.84
N TRP A 296 -4.33 -4.02 16.79
CA TRP A 296 -5.09 -5.27 16.84
C TRP A 296 -4.49 -6.22 17.85
N LEU A 297 -3.16 -6.22 17.97
CA LEU A 297 -2.57 -7.13 18.95
C LEU A 297 -2.88 -6.73 20.39
N ASP A 298 -3.04 -5.42 20.66
CA ASP A 298 -3.28 -4.91 22.02
C ASP A 298 -4.77 -4.68 22.31
N ALA A 299 -5.65 -4.90 21.34
CA ALA A 299 -7.08 -4.76 21.56
C ALA A 299 -7.53 -5.68 22.70
N GLN A 300 -8.29 -5.12 23.63
CA GLN A 300 -8.59 -5.80 24.89
C GLN A 300 -9.97 -6.44 24.82
N GLU A 301 -11.01 -5.73 25.25
CA GLU A 301 -12.32 -6.37 25.28
C GLU A 301 -12.77 -6.75 23.88
N SER A 302 -12.37 -5.96 22.87
CA SER A 302 -12.75 -6.27 21.50
C SER A 302 -12.29 -7.66 21.10
N ARG A 303 -11.18 -8.15 21.66
CA ARG A 303 -10.76 -9.52 21.33
C ARG A 303 -11.78 -10.57 21.77
N ARG A 304 -12.82 -10.22 22.55
CA ARG A 304 -13.90 -11.19 22.74
C ARG A 304 -14.54 -11.61 21.42
N ALA A 305 -14.30 -10.85 20.35
CA ALA A 305 -14.90 -11.21 19.08
C ALA A 305 -14.41 -12.59 18.61
N ASP A 306 -15.21 -13.24 17.77
CA ASP A 306 -14.83 -14.48 17.12
C ASP A 306 -14.00 -14.16 15.87
N LEU A 307 -12.71 -14.40 15.95
CA LEU A 307 -11.82 -14.21 14.82
C LEU A 307 -11.39 -15.54 14.24
N SER A 308 -12.15 -16.61 14.54
CA SER A 308 -11.73 -17.93 14.11
C SER A 308 -11.65 -18.02 12.60
N SER A 309 -12.32 -17.13 11.87
CA SER A 309 -12.28 -17.31 10.42
C SER A 309 -10.98 -16.78 9.82
N LEU A 310 -10.17 -16.05 10.59
CA LEU A 310 -9.01 -15.36 10.05
C LEU A 310 -7.85 -16.32 9.79
N ARG A 311 -7.32 -16.27 8.58
CA ARG A 311 -6.31 -17.23 8.10
C ARG A 311 -4.96 -16.60 7.84
N LEU A 312 -4.93 -15.36 7.38
CA LEU A 312 -3.70 -14.71 7.00
C LEU A 312 -3.78 -13.23 7.29
N LEU A 313 -2.81 -12.73 8.04
CA LEU A 313 -2.61 -11.30 8.24
C LEU A 313 -1.32 -10.94 7.54
N GLN A 314 -1.44 -10.11 6.49
CA GLN A 314 -0.29 -9.51 5.82
C GLN A 314 0.08 -8.24 6.56
N VAL A 315 1.36 -8.06 6.86
CA VAL A 315 1.83 -6.81 7.44
C VAL A 315 2.97 -6.25 6.63
N GLY A 316 2.86 -4.98 6.28
CA GLY A 316 3.87 -4.37 5.46
C GLY A 316 3.75 -2.86 5.50
N GLY A 317 4.58 -2.23 4.69
CA GLY A 317 4.63 -0.78 4.61
C GLY A 317 5.80 -0.23 5.39
N SER A 318 6.09 -0.89 6.51
CA SER A 318 7.16 -0.59 7.46
C SER A 318 7.52 -1.92 8.09
N ARG A 319 8.65 -1.99 8.78
CA ARG A 319 9.08 -3.28 9.33
C ARG A 319 8.20 -3.64 10.53
N LEU A 320 7.73 -4.89 10.57
CA LEU A 320 7.11 -5.44 11.77
C LEU A 320 8.22 -6.19 12.48
N GLY A 321 8.60 -5.71 13.66
CA GLY A 321 9.66 -6.37 14.41
C GLY A 321 9.21 -7.72 14.95
N SER A 322 10.21 -8.50 15.38
CA SER A 322 9.96 -9.86 15.82
C SER A 322 9.17 -9.92 17.12
N SER A 323 9.32 -8.91 17.99
CA SER A 323 8.53 -8.88 19.23
C SER A 323 7.04 -8.86 18.93
N ALA A 324 6.62 -7.99 18.01
CA ALA A 324 5.21 -7.93 17.60
C ALA A 324 4.83 -9.14 16.75
N ALA A 325 5.68 -9.47 15.79
CA ALA A 325 5.35 -10.54 14.86
C ALA A 325 5.05 -11.83 15.60
N GLN A 326 5.80 -12.06 16.67
CA GLN A 326 5.69 -13.34 17.33
C GLN A 326 4.35 -13.50 18.03
N ARG A 327 3.59 -12.40 18.21
CA ARG A 327 2.29 -12.39 18.91
C ARG A 327 1.12 -12.59 17.99
N VAL A 328 1.33 -12.51 16.68
CA VAL A 328 0.21 -12.61 15.73
C VAL A 328 -0.48 -13.96 15.85
N GLU A 329 0.27 -15.05 15.76
CA GLU A 329 -0.41 -16.35 15.77
C GLU A 329 -1.08 -16.62 17.11
N PRO A 330 -0.42 -16.43 18.25
CA PRO A 330 -1.10 -16.70 19.52
C PRO A 330 -2.29 -15.80 19.80
N VAL A 331 -2.24 -14.50 19.45
CA VAL A 331 -3.36 -13.61 19.82
C VAL A 331 -4.49 -13.74 18.82
N LEU A 332 -4.17 -13.82 17.53
CA LEU A 332 -5.17 -13.74 16.50
C LEU A 332 -5.53 -15.06 15.88
N GLY A 333 -4.70 -16.08 16.06
CA GLY A 333 -4.94 -17.39 15.51
C GLY A 333 -4.75 -17.55 14.02
N CYS A 334 -4.06 -16.62 13.37
CA CYS A 334 -3.88 -16.66 11.93
C CYS A 334 -2.40 -16.67 11.62
N GLN A 335 -2.06 -17.02 10.39
CA GLN A 335 -0.66 -16.95 9.97
C GLN A 335 -0.27 -15.51 9.71
N LEU A 336 1.01 -15.23 9.87
CA LEU A 336 1.53 -13.92 9.50
C LEU A 336 2.28 -14.03 8.18
N GLN A 337 2.20 -12.98 7.38
CA GLN A 337 3.09 -12.83 6.25
C GLN A 337 3.65 -11.42 6.26
N GLN A 338 4.98 -11.31 6.17
CA GLN A 338 5.62 -10.01 6.02
C GLN A 338 5.77 -9.65 4.55
N VAL A 339 5.49 -8.38 4.24
CA VAL A 339 5.45 -7.88 2.87
C VAL A 339 6.27 -6.60 2.79
N LEU A 340 7.38 -6.66 2.05
CA LEU A 340 8.13 -5.48 1.67
C LEU A 340 7.67 -5.13 0.26
N GLY A 341 7.06 -3.94 0.11
CA GLY A 341 6.49 -3.54 -1.15
C GLY A 341 6.67 -2.06 -1.42
N MET A 342 6.47 -1.72 -2.69
CA MET A 342 6.57 -0.34 -3.16
C MET A 342 5.68 -0.18 -4.37
N ALA A 343 5.07 1.00 -4.45
CA ALA A 343 4.19 1.27 -5.56
C ALA A 343 4.92 1.21 -6.88
N GLU A 344 6.22 1.53 -6.86
CA GLU A 344 7.04 1.50 -8.07
C GLU A 344 7.31 0.10 -8.60
N GLY A 345 7.14 -0.94 -7.79
CA GLY A 345 7.41 -2.25 -8.34
C GLY A 345 7.52 -3.32 -7.31
N LEU A 346 8.75 -3.83 -7.17
CA LEU A 346 9.12 -4.96 -6.32
C LEU A 346 8.23 -5.21 -5.13
N ILE A 347 7.85 -6.48 -4.96
CA ILE A 347 7.24 -6.97 -3.73
C ILE A 347 8.02 -8.19 -3.31
N CYS A 348 8.39 -8.21 -2.04
CA CYS A 348 8.89 -9.42 -1.41
C CYS A 348 7.85 -9.94 -0.45
N TYR A 349 7.78 -11.26 -0.37
CA TYR A 349 6.86 -11.94 0.52
C TYR A 349 7.59 -13.04 1.29
N THR A 350 7.29 -13.17 2.58
CA THR A 350 7.52 -14.45 3.22
C THR A 350 6.45 -15.42 2.71
N ARG A 351 6.78 -16.68 2.70
CA ARG A 351 5.90 -17.63 2.04
C ARG A 351 5.10 -18.37 3.09
N LEU A 352 3.95 -18.92 2.66
CA LEU A 352 3.05 -19.50 3.65
C LEU A 352 3.62 -20.75 4.29
N ASP A 353 4.60 -21.40 3.67
CA ASP A 353 5.27 -22.55 4.26
C ASP A 353 6.64 -22.20 4.84
N ASP A 354 6.96 -20.90 5.03
CA ASP A 354 8.28 -20.59 5.61
C ASP A 354 8.37 -20.85 7.10
N PRO A 355 9.57 -21.22 7.54
CA PRO A 355 9.85 -21.41 8.96
C PRO A 355 9.72 -20.11 9.71
N PRO A 356 9.57 -20.18 11.03
CA PRO A 356 9.40 -18.95 11.83
C PRO A 356 10.52 -17.94 11.67
N GLU A 357 11.77 -18.42 11.57
CA GLU A 357 12.93 -17.55 11.49
C GLU A 357 12.83 -16.57 10.33
N ARG A 358 12.17 -16.99 9.24
CA ARG A 358 11.96 -16.08 8.12
C ARG A 358 10.75 -15.18 8.37
N VAL A 359 9.66 -15.74 8.92
CA VAL A 359 8.48 -14.90 9.08
C VAL A 359 8.65 -13.87 10.18
N LEU A 360 9.40 -14.17 11.24
CA LEU A 360 9.54 -13.19 12.30
C LEU A 360 10.62 -12.17 12.03
N HIS A 361 11.61 -12.51 11.19
CA HIS A 361 12.79 -11.68 11.12
C HIS A 361 13.13 -11.15 9.75
N THR A 362 12.32 -11.45 8.73
CA THR A 362 12.62 -10.94 7.40
C THR A 362 11.35 -10.34 6.81
N GLN A 363 11.54 -9.54 5.76
CA GLN A 363 10.44 -8.93 5.03
C GLN A 363 10.22 -9.59 3.67
N GLY A 364 10.61 -10.84 3.53
CA GLY A 364 10.20 -11.64 2.37
C GLY A 364 11.31 -11.80 1.36
N ARG A 365 11.01 -12.60 0.34
CA ARG A 365 11.84 -12.68 -0.85
C ARG A 365 11.03 -12.30 -2.08
N PRO A 366 11.70 -11.88 -3.18
CA PRO A 366 10.98 -11.25 -4.29
C PRO A 366 9.96 -12.17 -4.96
N LEU A 367 8.94 -11.52 -5.49
CA LEU A 367 7.78 -12.22 -6.01
C LEU A 367 8.12 -13.01 -7.28
N SER A 368 8.93 -12.41 -8.18
CA SER A 368 9.16 -12.99 -9.50
C SER A 368 10.56 -13.59 -9.56
N PRO A 369 10.73 -14.72 -10.27
CA PRO A 369 12.10 -15.19 -10.54
C PRO A 369 12.89 -14.21 -11.37
N ASP A 370 12.25 -13.29 -12.10
CA ASP A 370 12.96 -12.33 -12.94
C ASP A 370 13.16 -10.96 -12.28
N ASP A 371 12.69 -10.77 -11.07
CA ASP A 371 13.07 -9.61 -10.27
C ASP A 371 14.57 -9.65 -10.04
N GLU A 372 15.26 -8.58 -10.40
CA GLU A 372 16.72 -8.48 -10.24
C GLU A 372 17.06 -7.43 -9.18
N VAL A 373 17.60 -7.92 -8.05
CA VAL A 373 17.88 -7.11 -6.86
C VAL A 373 19.39 -6.94 -6.71
N ARG A 374 19.82 -5.71 -6.43
CA ARG A 374 21.22 -5.39 -6.18
C ARG A 374 21.31 -4.49 -4.96
N VAL A 375 22.06 -4.90 -3.95
CA VAL A 375 22.25 -4.09 -2.76
C VAL A 375 23.62 -3.47 -2.87
N VAL A 376 23.70 -2.12 -2.83
CA VAL A 376 24.92 -1.43 -3.24
C VAL A 376 25.25 -0.34 -2.23
N ASP A 377 26.56 -0.06 -2.10
CA ASP A 377 27.05 0.93 -1.14
C ASP A 377 27.00 2.31 -1.79
N ALA A 378 27.55 3.31 -1.10
CA ALA A 378 27.44 4.67 -1.59
C ALA A 378 28.09 4.83 -2.97
N GLU A 379 29.10 4.00 -3.26
CA GLU A 379 29.87 4.10 -4.50
C GLU A 379 29.24 3.36 -5.67
N GLY A 380 28.12 2.67 -5.44
CA GLY A 380 27.56 1.78 -6.43
C GLY A 380 28.16 0.38 -6.43
N ARG A 381 29.00 0.04 -5.45
CA ARG A 381 29.53 -1.30 -5.38
C ARG A 381 28.52 -2.24 -4.75
N GLU A 382 28.39 -3.46 -5.27
CA GLU A 382 27.54 -4.45 -4.60
C GLU A 382 28.20 -4.96 -3.32
N VAL A 383 27.46 -4.89 -2.21
CA VAL A 383 28.03 -5.22 -0.90
C VAL A 383 28.11 -6.72 -0.75
N GLY A 384 28.76 -7.17 0.31
CA GLY A 384 28.85 -8.58 0.57
C GLY A 384 27.58 -9.10 1.19
N PRO A 385 27.51 -10.42 1.29
CA PRO A 385 26.27 -11.04 1.79
C PRO A 385 26.10 -10.79 3.28
N GLY A 386 24.86 -10.48 3.65
CA GLY A 386 24.57 -10.01 4.99
C GLY A 386 24.88 -8.56 5.27
N GLU A 387 25.63 -7.86 4.40
CA GLU A 387 25.95 -6.46 4.63
C GLU A 387 24.79 -5.58 4.17
N VAL A 388 24.76 -4.38 4.71
CA VAL A 388 23.64 -3.47 4.54
C VAL A 388 23.99 -2.51 3.41
N GLY A 389 23.07 -2.34 2.47
CA GLY A 389 23.31 -1.35 1.43
C GLY A 389 22.01 -0.75 0.93
N GLU A 390 22.06 0.06 -0.15
CA GLU A 390 20.83 0.55 -0.74
C GLU A 390 20.19 -0.53 -1.62
N LEU A 391 18.90 -0.75 -1.44
CA LEU A 391 18.18 -1.67 -2.30
C LEU A 391 17.93 -1.03 -3.65
N THR A 392 18.30 -1.74 -4.71
CA THR A 392 17.96 -1.30 -6.05
C THR A 392 17.47 -2.51 -6.81
N VAL A 393 16.69 -2.27 -7.87
CA VAL A 393 15.99 -3.39 -8.46
C VAL A 393 15.41 -3.03 -9.81
N ARG A 394 15.38 -4.02 -10.72
CA ARG A 394 14.55 -3.95 -11.91
C ARG A 394 13.88 -5.30 -12.08
N GLY A 395 12.77 -5.32 -12.81
CA GLY A 395 12.03 -6.55 -12.92
C GLY A 395 10.79 -6.36 -13.74
N PRO A 396 9.99 -7.42 -13.87
CA PRO A 396 8.85 -7.37 -14.81
C PRO A 396 7.62 -6.60 -14.33
N TYR A 397 7.62 -6.03 -13.13
CA TYR A 397 6.52 -5.13 -12.75
C TYR A 397 7.09 -3.91 -12.00
N THR A 398 8.37 -3.59 -12.24
CA THR A 398 8.99 -2.38 -11.72
C THR A 398 9.14 -1.36 -12.84
N ILE A 399 8.64 -0.14 -12.61
CA ILE A 399 8.67 0.89 -13.64
C ILE A 399 10.10 1.23 -14.04
N ARG A 400 10.23 1.78 -15.24
CA ARG A 400 11.51 2.30 -15.72
C ARG A 400 11.59 3.81 -15.60
N GLY A 401 10.46 4.46 -15.29
CA GLY A 401 10.48 5.86 -14.84
C GLY A 401 9.09 6.34 -14.46
N TYR A 402 9.08 7.37 -13.60
CA TYR A 402 7.88 8.07 -13.20
C TYR A 402 7.27 8.75 -14.41
N TYR A 403 5.98 9.08 -14.30
CA TYR A 403 5.27 9.68 -15.41
C TYR A 403 5.72 11.13 -15.66
N ARG A 404 6.11 11.37 -16.90
CA ARG A 404 6.55 12.64 -17.45
C ARG A 404 7.53 13.34 -16.51
N LEU A 405 8.49 12.62 -15.97
CA LEU A 405 9.45 13.19 -15.01
C LEU A 405 10.86 12.86 -15.44
N PRO A 406 11.21 13.21 -16.69
CA PRO A 406 12.59 12.91 -17.16
C PRO A 406 13.69 13.41 -16.22
N GLU A 407 13.52 14.59 -15.61
CA GLU A 407 14.65 15.11 -14.85
C GLU A 407 14.84 14.36 -13.54
N HIS A 408 13.74 14.11 -12.81
CA HIS A 408 13.83 13.28 -11.61
C HIS A 408 14.24 11.84 -11.98
N ASN A 409 13.77 11.35 -13.13
CA ASN A 409 14.03 9.96 -13.54
C ASN A 409 15.52 9.73 -13.76
N ALA A 410 16.21 10.77 -14.24
CA ALA A 410 17.66 10.71 -14.46
C ALA A 410 18.43 10.46 -13.18
N LYS A 411 17.86 10.81 -12.02
CA LYS A 411 18.51 10.52 -10.74
C LYS A 411 18.00 9.26 -10.05
N ALA A 412 16.74 8.91 -10.27
CA ALA A 412 16.11 7.84 -9.51
C ALA A 412 16.36 6.45 -10.11
N PHE A 413 16.83 6.37 -11.36
CA PHE A 413 17.06 5.12 -12.09
C PHE A 413 18.49 5.13 -12.59
N SER A 414 19.20 4.01 -12.38
CA SER A 414 20.53 3.82 -12.94
C SER A 414 20.48 3.76 -14.46
N ALA A 415 21.67 3.80 -15.07
CA ALA A 415 21.76 3.78 -16.54
C ALA A 415 21.29 2.45 -17.12
N ASP A 416 21.49 1.35 -16.39
CA ASP A 416 20.97 0.05 -16.76
C ASP A 416 19.59 -0.24 -16.17
N GLY A 417 18.89 0.80 -15.68
CA GLY A 417 17.47 0.70 -15.47
C GLY A 417 17.04 0.21 -14.11
N PHE A 418 17.93 0.22 -13.14
CA PHE A 418 17.60 -0.19 -11.79
C PHE A 418 16.98 0.97 -11.04
N TYR A 419 15.84 0.73 -10.41
CA TYR A 419 15.19 1.71 -9.57
C TYR A 419 15.92 1.77 -8.23
N ARG A 420 16.29 2.98 -7.80
CA ARG A 420 16.98 3.20 -6.53
C ARG A 420 15.91 3.48 -5.47
N THR A 421 15.68 2.51 -4.58
CA THR A 421 14.52 2.62 -3.70
C THR A 421 14.70 3.60 -2.55
N GLY A 422 15.93 3.92 -2.21
CA GLY A 422 16.17 4.70 -1.01
C GLY A 422 16.09 3.92 0.29
N ASP A 423 15.83 2.62 0.23
CA ASP A 423 15.82 1.80 1.44
C ASP A 423 17.17 1.14 1.67
N ARG A 424 17.48 0.91 2.94
CA ARG A 424 18.68 0.20 3.37
C ARG A 424 18.25 -1.20 3.77
N VAL A 425 18.85 -2.21 3.11
CA VAL A 425 18.47 -3.61 3.32
C VAL A 425 19.76 -4.42 3.35
N SER A 426 19.66 -5.61 3.93
CA SER A 426 20.61 -6.71 3.77
C SER A 426 19.84 -7.94 3.29
N ARG A 427 20.56 -8.97 2.87
CA ARG A 427 19.98 -10.23 2.35
C ARG A 427 20.55 -11.45 3.11
N ASP A 428 19.72 -12.46 3.44
CA ASP A 428 20.08 -13.64 4.22
C ASP A 428 20.43 -14.76 3.25
N LYS A 429 20.50 -15.98 3.71
CA LYS A 429 21.34 -16.91 2.97
C LYS A 429 20.66 -17.44 1.76
N ASP A 430 19.35 -17.28 1.88
CA ASP A 430 18.36 -17.76 0.99
C ASP A 430 17.65 -16.65 0.21
N GLY A 431 18.14 -15.41 0.20
CA GLY A 431 17.59 -14.38 -0.65
C GLY A 431 16.55 -13.50 0.01
N TYR A 432 16.30 -13.67 1.31
CA TYR A 432 15.28 -12.88 1.98
C TYR A 432 15.85 -11.54 2.40
N LEU A 433 15.02 -10.50 2.26
CA LEU A 433 15.41 -9.14 2.56
CA LEU A 433 15.42 -9.13 2.56
C LEU A 433 15.09 -8.80 4.01
N VAL A 434 16.01 -8.14 4.67
CA VAL A 434 15.85 -7.58 6.00
C VAL A 434 16.01 -6.08 5.86
N VAL A 435 14.96 -5.32 6.16
CA VAL A 435 14.94 -3.89 5.93
C VAL A 435 15.42 -3.19 7.19
N GLU A 436 16.48 -2.38 7.06
CA GLU A 436 16.94 -1.57 8.18
C GLU A 436 16.15 -0.27 8.29
N GLY A 437 15.76 0.29 7.17
CA GLY A 437 14.98 1.50 7.14
C GLY A 437 15.36 2.33 5.94
N ARG A 438 14.90 3.57 5.93
CA ARG A 438 15.23 4.48 4.84
C ARG A 438 16.62 5.05 5.02
N ASP A 439 17.24 5.40 3.89
CA ASP A 439 18.53 6.09 3.94
C ASP A 439 18.52 7.27 4.91
N LYS A 440 17.40 8.02 4.98
CA LYS A 440 17.33 9.19 5.85
C LYS A 440 17.08 8.85 7.31
N ASP A 441 16.76 7.58 7.61
CA ASP A 441 16.53 7.13 8.98
C ASP A 441 17.80 6.70 9.69
N GLN A 442 18.92 6.67 8.99
CA GLN A 442 20.17 6.20 9.57
C GLN A 442 20.56 7.06 10.77
N ILE A 443 21.18 6.42 11.76
CA ILE A 443 21.70 7.12 12.93
C ILE A 443 23.19 6.85 13.07
N ASN A 444 23.97 7.93 13.24
CA ASN A 444 25.41 7.82 13.47
C ASN A 444 25.72 8.66 14.70
N ARG A 445 26.07 7.99 15.79
CA ARG A 445 26.22 8.62 17.10
C ARG A 445 27.69 8.61 17.47
N GLY A 446 28.37 9.72 17.20
CA GLY A 446 29.82 9.80 17.42
C GLY A 446 30.61 8.75 16.67
N GLY A 447 30.23 8.50 15.43
CA GLY A 447 30.87 7.48 14.66
C GLY A 447 30.43 6.09 14.97
N GLU A 448 29.58 5.87 15.97
CA GLU A 448 29.01 4.56 16.10
C GLU A 448 27.68 4.51 15.37
N LYS A 449 27.51 3.51 14.50
CA LYS A 449 26.24 3.29 13.82
C LYS A 449 25.20 2.58 14.70
N ILE A 450 23.95 3.03 14.59
CA ILE A 450 22.84 2.48 15.38
C ILE A 450 21.68 2.14 14.46
N ALA A 451 21.17 0.92 14.57
CA ALA A 451 20.02 0.44 13.82
C ALA A 451 18.76 0.66 14.66
N ALA A 452 18.02 1.72 14.34
CA ALA A 452 16.80 2.05 15.07
C ALA A 452 15.94 0.82 15.30
N GLU A 453 15.73 0.01 14.26
CA GLU A 453 14.82 -1.12 14.38
C GLU A 453 15.20 -1.99 15.57
N GLU A 454 16.50 -2.18 15.83
CA GLU A 454 16.92 -3.06 16.92
C GLU A 454 16.44 -2.54 18.29
N VAL A 455 16.62 -1.24 18.52
CA VAL A 455 16.16 -0.62 19.75
C VAL A 455 14.64 -0.57 19.80
N GLU A 456 13.99 -0.25 18.68
CA GLU A 456 12.54 -0.20 18.68
C GLU A 456 11.95 -1.54 19.07
N ASN A 457 12.52 -2.61 18.55
CA ASN A 457 12.01 -3.95 18.80
C ASN A 457 12.19 -4.34 20.25
N LEU A 458 13.29 -3.94 20.88
CA LEU A 458 13.44 -4.26 22.29
C LEU A 458 12.37 -3.55 23.13
N LEU A 459 12.19 -2.23 22.91
CA LEU A 459 11.22 -1.46 23.69
C LEU A 459 9.82 -2.01 23.50
N ILE A 460 9.44 -2.33 22.26
CA ILE A 460 8.11 -2.84 21.95
C ILE A 460 7.84 -4.15 22.64
N ALA A 461 8.87 -4.91 22.99
CA ALA A 461 8.65 -6.13 23.76
C ALA A 461 8.26 -5.82 25.21
N HIS A 462 8.51 -4.59 25.66
CA HIS A 462 8.22 -4.23 27.03
C HIS A 462 6.71 -4.29 27.28
N PRO A 463 6.26 -4.91 28.38
CA PRO A 463 4.81 -5.08 28.58
C PRO A 463 4.02 -3.78 28.66
N GLN A 464 4.59 -2.66 29.11
CA GLN A 464 3.85 -1.40 29.12
C GLN A 464 4.24 -0.47 27.99
N VAL A 465 4.76 -1.01 26.89
CA VAL A 465 5.03 -0.23 25.68
C VAL A 465 4.11 -0.72 24.58
N HIS A 466 3.37 0.21 23.97
CA HIS A 466 2.50 -0.11 22.85
C HIS A 466 3.26 -0.05 21.52
N ASP A 467 4.00 1.03 21.29
CA ASP A 467 4.82 1.19 20.09
C ASP A 467 5.99 2.09 20.43
N ALA A 468 7.00 2.07 19.57
CA ALA A 468 8.22 2.86 19.80
C ALA A 468 8.87 3.18 18.46
N THR A 469 9.53 4.33 18.42
CA THR A 469 10.17 4.78 17.19
C THR A 469 11.37 5.61 17.58
N VAL A 470 12.52 5.31 16.98
CA VAL A 470 13.80 5.90 17.35
C VAL A 470 14.32 6.72 16.17
N VAL A 471 14.69 7.98 16.44
CA VAL A 471 15.14 8.91 15.40
C VAL A 471 16.33 9.70 15.90
N ALA A 472 16.96 10.40 14.96
CA ALA A 472 18.17 11.17 15.19
C ALA A 472 17.83 12.62 15.49
N MET A 473 18.60 13.24 16.37
CA MET A 473 18.53 14.67 16.76
C MET A 473 19.90 15.25 16.64
N PRO A 474 20.03 16.53 16.25
CA PRO A 474 21.37 17.12 16.13
C PRO A 474 22.07 17.20 17.47
N ASP A 475 23.40 17.14 17.45
CA ASP A 475 24.21 17.28 18.65
C ASP A 475 25.58 17.83 18.29
N SER A 476 26.06 18.81 19.06
CA SER A 476 27.29 19.49 18.64
C SER A 476 28.53 18.65 18.86
N LEU A 477 28.52 17.70 19.79
CA LEU A 477 29.71 16.93 20.13
C LEU A 477 29.77 15.60 19.41
N LEU A 478 28.66 14.87 19.39
CA LEU A 478 28.62 13.57 18.75
C LEU A 478 27.98 13.63 17.36
N GLY A 479 27.61 14.82 16.89
CA GLY A 479 26.95 14.95 15.60
C GLY A 479 25.47 14.67 15.69
N GLU A 480 25.12 13.45 16.14
CA GLU A 480 23.74 13.05 16.33
C GLU A 480 23.61 12.33 17.66
N ARG A 481 22.52 12.59 18.37
CA ARG A 481 22.07 11.73 19.45
C ARG A 481 20.76 11.07 19.02
N THR A 482 20.29 10.17 19.85
CA THR A 482 19.05 9.45 19.58
C THR A 482 17.94 9.88 20.53
N CYS A 483 16.72 9.92 20.00
CA CYS A 483 15.50 10.13 20.77
C CYS A 483 14.51 9.03 20.43
N ALA A 484 14.02 8.32 21.46
CA ALA A 484 12.98 7.32 21.27
C ALA A 484 11.61 7.91 21.68
N PHE A 485 10.67 7.91 20.75
CA PHE A 485 9.28 8.22 21.05
C PHE A 485 8.55 6.92 21.35
N VAL A 486 7.80 6.89 22.45
CA VAL A 486 7.18 5.68 22.98
C VAL A 486 5.72 6.00 23.35
N ILE A 487 4.80 5.25 22.77
CA ILE A 487 3.40 5.24 23.19
C ILE A 487 3.27 4.21 24.33
N PRO A 488 2.97 4.63 25.55
CA PRO A 488 2.85 3.67 26.66
C PRO A 488 1.48 2.98 26.61
N ARG A 489 1.30 1.98 27.46
CA ARG A 489 0.00 1.41 27.77
C ARG A 489 -0.01 1.65 29.26
N GLN A 490 -1.09 1.81 29.83
CA GLN A 490 -1.01 2.15 31.25
C GLN A 490 -0.88 0.89 32.10
N PRO A 491 -0.17 0.95 33.25
CA PRO A 491 0.53 2.14 33.78
C PRO A 491 1.87 2.41 33.06
N ALA A 492 2.11 3.64 32.68
CA ALA A 492 3.20 3.94 31.77
C ALA A 492 4.53 3.95 32.51
N PRO A 493 5.58 3.37 31.92
CA PRO A 493 6.89 3.44 32.54
C PRO A 493 7.53 4.79 32.30
N SER A 494 8.47 5.14 33.15
CA SER A 494 9.24 6.37 32.96
C SER A 494 10.41 6.12 31.99
N ALA A 495 10.94 7.21 31.45
CA ALA A 495 12.09 7.09 30.56
C ALA A 495 13.22 6.34 31.27
N LEU A 496 13.52 6.75 32.49
CA LEU A 496 14.50 6.04 33.32
C LEU A 496 14.22 4.53 33.46
N LYS A 497 13.00 4.11 33.85
CA LYS A 497 12.70 2.66 33.82
C LYS A 497 12.96 2.02 32.48
N LEU A 498 12.64 2.68 31.39
CA LEU A 498 12.90 2.00 30.13
C LEU A 498 14.38 1.92 29.81
N LYS A 499 15.14 2.97 30.09
CA LYS A 499 16.60 2.86 29.96
C LYS A 499 17.15 1.70 30.79
N GLN A 500 16.64 1.52 32.01
CA GLN A 500 17.10 0.37 32.80
C GLN A 500 16.63 -0.92 32.19
N TYR A 501 15.44 -0.92 31.59
CA TYR A 501 14.97 -2.16 30.96
C TYR A 501 15.82 -2.52 29.76
N LEU A 502 16.20 -1.52 28.95
CA LEU A 502 17.11 -1.78 27.84
C LEU A 502 18.45 -2.37 28.32
N HIS A 503 19.03 -1.76 29.35
CA HIS A 503 20.26 -2.29 29.94
C HIS A 503 20.10 -3.76 30.33
N ALA A 504 19.04 -4.08 31.07
CA ALA A 504 18.85 -5.45 31.53
C ALA A 504 18.62 -6.43 30.39
N CYS A 505 18.25 -5.92 29.20
CA CYS A 505 18.16 -6.74 28.01
C CYS A 505 19.51 -7.01 27.35
N GLY A 506 20.57 -6.32 27.75
CA GLY A 506 21.85 -6.49 27.09
C GLY A 506 22.11 -5.58 25.90
N LEU A 507 21.40 -4.46 25.81
CA LEU A 507 21.65 -3.55 24.70
C LEU A 507 22.94 -2.76 24.96
N ALA A 508 23.81 -2.71 23.96
CA ALA A 508 25.01 -1.90 24.06
C ALA A 508 24.68 -0.49 24.58
N ALA A 509 25.59 0.04 25.39
CA ALA A 509 25.33 1.32 26.07
C ALA A 509 25.13 2.45 25.07
N PHE A 510 25.94 2.50 24.00
CA PHE A 510 25.87 3.56 23.00
C PHE A 510 24.56 3.53 22.21
N LYS A 511 23.83 2.40 22.25
CA LYS A 511 22.54 2.25 21.59
C LYS A 511 21.35 2.62 22.49
N VAL A 512 21.55 2.77 23.79
CA VAL A 512 20.44 3.23 24.63
C VAL A 512 20.08 4.66 24.24
N PRO A 513 18.82 4.94 23.92
CA PRO A 513 18.47 6.31 23.50
C PRO A 513 18.92 7.38 24.49
N ASP A 514 19.50 8.45 23.95
CA ASP A 514 19.85 9.61 24.78
C ASP A 514 18.61 10.24 25.40
N ARG A 515 17.46 10.11 24.73
CA ARG A 515 16.23 10.75 25.16
C ARG A 515 15.07 9.82 24.82
N ILE A 516 14.14 9.72 25.75
CA ILE A 516 12.90 8.96 25.58
C ILE A 516 11.72 9.88 25.93
N GLU A 517 10.84 10.09 24.95
CA GLU A 517 9.61 10.90 24.98
C GLU A 517 8.41 9.95 25.10
N LEU A 518 7.72 10.00 26.24
CA LEU A 518 6.42 9.32 26.37
C LEU A 518 5.31 10.17 25.74
N VAL A 519 4.64 9.62 24.72
CA VAL A 519 3.63 10.36 23.96
C VAL A 519 2.44 9.47 23.63
N PRO A 520 1.29 10.08 23.38
CA PRO A 520 0.07 9.25 23.17
C PRO A 520 -0.07 8.72 21.76
N ALA A 521 0.66 9.27 20.80
CA ALA A 521 0.53 8.96 19.39
C ALA A 521 1.78 9.47 18.67
N PHE A 522 1.99 8.96 17.44
CA PHE A 522 3.02 9.43 16.53
C PHE A 522 2.38 10.10 15.32
N PRO A 523 3.03 11.09 14.71
CA PRO A 523 2.54 11.57 13.41
C PRO A 523 2.61 10.42 12.41
N GLN A 524 1.70 10.48 11.44
CA GLN A 524 1.46 9.39 10.50
C GLN A 524 1.34 9.87 9.07
N THR A 525 1.70 8.99 8.16
CA THR A 525 1.61 9.22 6.73
C THR A 525 0.22 8.82 6.24
N GLY A 526 0.06 8.89 4.91
CA GLY A 526 -1.26 8.77 4.32
C GLY A 526 -1.97 7.45 4.59
N ILE A 527 -1.23 6.35 4.69
CA ILE A 527 -1.88 5.09 4.99
C ILE A 527 -1.62 4.60 6.43
N GLY A 528 -1.00 5.42 7.29
CA GLY A 528 -0.79 5.01 8.66
C GLY A 528 0.64 4.66 9.10
N LYS A 529 1.63 4.83 8.24
CA LYS A 529 3.01 4.63 8.59
C LYS A 529 3.46 5.79 9.46
N ILE A 530 4.45 5.52 10.33
CA ILE A 530 4.99 6.55 11.20
C ILE A 530 5.83 7.51 10.37
N SER A 531 5.71 8.80 10.65
CA SER A 531 6.50 9.81 9.95
C SER A 531 7.70 10.20 10.79
N LYS A 532 8.84 9.56 10.51
CA LYS A 532 10.10 9.91 11.16
C LYS A 532 10.58 11.29 10.67
N LYS A 533 10.13 11.73 9.51
CA LYS A 533 10.50 13.05 9.09
C LYS A 533 9.88 14.06 10.02
N ASP A 534 8.58 13.88 10.25
CA ASP A 534 7.88 14.81 11.14
C ASP A 534 8.51 14.81 12.52
N LEU A 535 8.95 13.63 12.99
CA LEU A 535 9.53 13.58 14.33
C LEU A 535 10.87 14.30 14.34
N ARG A 536 11.61 14.21 13.24
CA ARG A 536 12.98 14.66 13.25
C ARG A 536 12.93 16.17 13.05
N GLU A 537 11.94 16.71 12.28
CA GLU A 537 11.67 18.16 12.24
C GLU A 537 11.15 18.70 13.57
N ARG A 538 10.42 17.88 14.33
CA ARG A 538 10.01 18.30 15.66
C ARG A 538 11.22 18.52 16.56
N LEU A 539 12.21 17.64 16.50
CA LEU A 539 13.34 17.80 17.40
C LEU A 539 14.17 19.04 17.05
N ARG A 540 14.27 19.39 15.77
CA ARG A 540 15.11 20.53 15.47
C ARG A 540 14.27 21.79 15.20
#